data_3MVC
#
_entry.id   3MVC
#
_cell.length_a   37.582
_cell.length_b   76.347
_cell.length_c   62.696
_cell.angle_alpha   90.00
_cell.angle_beta   91.76
_cell.angle_gamma   90.00
#
_symmetry.space_group_name_H-M   'P 1 21 1'
#
loop_
_entity.id
_entity.type
_entity.pdbx_description
1 polymer 'Globin protein 6'
2 non-polymer 'PROTOPORPHYRIN IX CONTAINING FE'
3 non-polymer 'PRASEODYMIUM ION'
4 non-polymer 'NITRATE ION'
5 water water
#
_entity_poly.entity_id   1
_entity_poly.type   'polypeptide(L)'
_entity_poly.pdbx_seq_one_letter_code
;LHLTQPQILFVRKTWNHARNQGALEPAISIFRNSFFKNPEIRQMIMFGTKNEGHERLKKHAQLFTVLMDDLIANLDSPSA
TVAGLREAGEKHVWPTRNQYGCPFHAHLLDQFATAMIERTLEWGEKKDRTETTQRGWTKIVLFVTEQLKEGFQDEQKRAR
R
;
_entity_poly.pdbx_strand_id   A,B
#
loop_
_chem_comp.id
_chem_comp.type
_chem_comp.name
_chem_comp.formula
HEM non-polymer 'PROTOPORPHYRIN IX CONTAINING FE' 'C34 H32 Fe N4 O4'
NO3 non-polymer 'NITRATE ION' 'N O3 -1'
PR non-polymer 'PRASEODYMIUM ION' 'Pr 3'
#
# COMPACT_ATOMS: atom_id res chain seq x y z
N LEU A 1 15.39 7.38 -23.06
CA LEU A 1 15.90 6.51 -22.01
C LEU A 1 17.39 6.23 -22.18
N HIS A 2 18.15 6.44 -21.12
CA HIS A 2 19.59 6.16 -21.14
C HIS A 2 20.02 5.36 -19.92
N LEU A 3 19.65 4.09 -19.86
CA LEU A 3 20.15 3.25 -18.78
C LEU A 3 21.51 2.64 -19.12
N THR A 4 22.38 2.59 -18.11
CA THR A 4 23.62 1.82 -18.23
C THR A 4 23.28 0.35 -18.15
N GLN A 5 24.19 -0.52 -18.59
CA GLN A 5 23.92 -1.94 -18.54
C GLN A 5 23.76 -2.47 -17.11
N PRO A 6 24.61 -2.01 -16.17
CA PRO A 6 24.38 -2.42 -14.78
C PRO A 6 23.00 -1.96 -14.27
N GLN A 7 22.55 -0.78 -14.69
CA GLN A 7 21.21 -0.33 -14.32
C GLN A 7 20.15 -1.26 -14.92
N ILE A 8 20.33 -1.64 -16.17
CA ILE A 8 19.37 -2.51 -16.85
C ILE A 8 19.27 -3.86 -16.13
N LEU A 9 20.42 -4.42 -15.78
CA LEU A 9 20.45 -5.69 -15.07
C LEU A 9 19.76 -5.60 -13.71
N PHE A 10 20.01 -4.52 -12.98
CA PHE A 10 19.44 -4.35 -11.64
C PHE A 10 17.93 -4.15 -11.72
N VAL A 11 17.50 -3.34 -12.68
CA VAL A 11 16.09 -3.08 -12.86
C VAL A 11 15.35 -4.38 -13.23
N ARG A 12 15.95 -5.19 -14.11
CA ARG A 12 15.29 -6.42 -14.52
C ARG A 12 15.23 -7.43 -13.37
N LYS A 13 16.29 -7.51 -12.59
CA LYS A 13 16.32 -8.46 -11.48
C LYS A 13 15.26 -8.10 -10.42
N THR A 14 15.21 -6.83 -10.05
CA THR A 14 14.28 -6.37 -9.03
C THR A 14 12.84 -6.39 -9.53
N TRP A 15 12.63 -6.05 -10.81
CA TRP A 15 11.29 -6.10 -11.40
C TRP A 15 10.72 -7.51 -11.37
N ASN A 16 11.50 -8.47 -11.84
CA ASN A 16 11.00 -9.83 -11.90
C ASN A 16 10.79 -10.41 -10.49
N HIS A 17 11.59 -9.95 -9.53
CA HIS A 17 11.36 -10.30 -8.14
C HIS A 17 10.04 -9.72 -7.64
N ALA A 18 9.79 -8.46 -7.97
CA ALA A 18 8.56 -7.80 -7.56
C ALA A 18 7.33 -8.48 -8.16
N ARG A 19 7.47 -8.97 -9.40
CA ARG A 19 6.35 -9.63 -10.06
C ARG A 19 5.98 -10.92 -9.37
N ASN A 20 6.92 -11.47 -8.59
CA ASN A 20 6.69 -12.68 -7.81
C ASN A 20 5.67 -12.53 -6.70
N GLN A 21 5.28 -11.30 -6.43
CA GLN A 21 4.35 -11.01 -5.34
C GLN A 21 2.91 -11.35 -5.73
N GLY A 22 2.63 -11.44 -7.03
CA GLY A 22 1.29 -11.74 -7.50
C GLY A 22 1.00 -11.28 -8.91
N ALA A 23 -0.08 -11.78 -9.50
CA ALA A 23 -0.41 -11.51 -10.90
C ALA A 23 -0.39 -10.03 -11.26
N LEU A 24 -1.03 -9.23 -10.43
CA LEU A 24 -1.13 -7.79 -10.69
C LEU A 24 -0.19 -6.96 -9.81
N GLU A 25 0.86 -7.60 -9.29
CA GLU A 25 1.89 -6.89 -8.53
C GLU A 25 3.16 -6.74 -9.37
N PRO A 26 3.93 -5.67 -9.13
CA PRO A 26 3.72 -4.65 -8.09
C PRO A 26 2.77 -3.51 -8.49
N ALA A 27 2.12 -3.60 -9.65
CA ALA A 27 1.25 -2.52 -10.11
C ALA A 27 0.21 -2.09 -9.06
N ILE A 28 -0.47 -3.06 -8.46
CA ILE A 28 -1.49 -2.71 -7.46
C ILE A 28 -0.88 -1.95 -6.29
N SER A 29 0.27 -2.41 -5.82
CA SER A 29 0.92 -1.77 -4.67
C SER A 29 1.37 -0.35 -5.02
N ILE A 30 1.74 -0.12 -6.29
CA ILE A 30 2.13 1.20 -6.76
C ILE A 30 0.92 2.14 -6.75
N PHE A 31 -0.20 1.68 -7.31
CA PHE A 31 -1.41 2.49 -7.25
C PHE A 31 -1.81 2.79 -5.80
N ARG A 32 -1.72 1.78 -4.94
CA ARG A 32 -2.12 1.97 -3.55
C ARG A 32 -1.23 3.00 -2.87
N ASN A 33 0.05 3.00 -3.18
CA ASN A 33 0.93 4.01 -2.60
C ASN A 33 0.60 5.40 -3.14
N SER A 34 0.18 5.50 -4.40
CA SER A 34 -0.26 6.81 -4.91
C SER A 34 -1.51 7.31 -4.18
N PHE A 35 -2.37 6.38 -3.75
CA PHE A 35 -3.56 6.73 -2.96
C PHE A 35 -3.15 7.41 -1.66
N PHE A 36 -2.08 6.89 -1.06
CA PHE A 36 -1.53 7.47 0.16
C PHE A 36 -0.95 8.87 -0.11
N LYS A 37 -0.19 8.99 -1.20
CA LYS A 37 0.39 10.29 -1.55
C LYS A 37 -0.70 11.32 -1.81
N ASN A 38 -1.78 10.87 -2.42
CA ASN A 38 -2.93 11.74 -2.69
C ASN A 38 -4.25 10.97 -2.73
N PRO A 39 -5.02 11.02 -1.63
CA PRO A 39 -6.29 10.30 -1.55
C PRO A 39 -7.28 10.63 -2.68
N GLU A 40 -7.12 11.78 -3.34
CA GLU A 40 -7.98 12.10 -4.47
C GLU A 40 -7.81 11.09 -5.60
N ILE A 41 -6.61 10.56 -5.74
CA ILE A 41 -6.37 9.54 -6.76
C ILE A 41 -7.26 8.33 -6.49
N ARG A 42 -7.37 7.94 -5.22
CA ARG A 42 -8.25 6.84 -4.86
C ARG A 42 -9.72 7.19 -5.10
N GLN A 43 -10.12 8.40 -4.71
CA GLN A 43 -11.50 8.82 -4.92
C GLN A 43 -11.88 8.70 -6.39
N MET A 44 -10.94 9.02 -7.27
CA MET A 44 -11.17 8.97 -8.71
C MET A 44 -11.19 7.54 -9.25
N ILE A 45 -10.17 6.77 -8.93
CA ILE A 45 -10.09 5.41 -9.43
C ILE A 45 -11.19 4.54 -8.83
N MET A 46 -11.59 4.84 -7.60
CA MET A 46 -12.61 4.03 -6.92
C MET A 46 -14.01 4.62 -7.09
N PHE A 47 -14.15 5.57 -8.00
CA PHE A 47 -15.42 6.24 -8.23
C PHE A 47 -16.55 5.26 -8.56
N GLY A 48 -17.70 5.44 -7.92
CA GLY A 48 -18.85 4.59 -8.15
C GLY A 48 -19.08 3.60 -7.03
N THR A 49 -19.72 2.48 -7.37
CA THR A 49 -19.98 1.41 -6.39
C THR A 49 -18.68 0.71 -6.00
N LYS A 50 -18.76 -0.11 -4.95
CA LYS A 50 -17.61 -0.89 -4.52
C LYS A 50 -17.06 -1.72 -5.68
N ASN A 51 -17.95 -2.42 -6.37
CA ASN A 51 -17.56 -3.27 -7.49
C ASN A 51 -16.89 -2.47 -8.62
N GLU A 52 -17.54 -1.39 -9.04
CA GLU A 52 -17.01 -0.56 -10.11
C GLU A 52 -15.61 -0.05 -9.79
N GLY A 53 -15.42 0.44 -8.57
CA GLY A 53 -14.13 0.95 -8.15
C GLY A 53 -13.06 -0.12 -8.18
N HIS A 54 -13.39 -1.28 -7.63
CA HIS A 54 -12.42 -2.38 -7.61
C HIS A 54 -12.10 -2.90 -9.01
N GLU A 55 -13.10 -2.94 -9.89
CA GLU A 55 -12.86 -3.34 -11.27
C GLU A 55 -11.94 -2.35 -11.98
N ARG A 56 -12.11 -1.06 -11.68
CA ARG A 56 -11.30 -0.03 -12.32
C ARG A 56 -9.86 -0.10 -11.86
N LEU A 57 -9.66 -0.33 -10.56
CA LEU A 57 -8.31 -0.51 -10.02
C LEU A 57 -7.67 -1.75 -10.64
N LYS A 58 -8.43 -2.83 -10.73
CA LYS A 58 -7.93 -4.06 -11.32
C LYS A 58 -7.49 -3.83 -12.77
N LYS A 59 -8.36 -3.21 -13.56
CA LYS A 59 -8.05 -2.93 -14.95
C LYS A 59 -6.83 -2.01 -15.07
N HIS A 60 -6.73 -1.02 -14.21
CA HIS A 60 -5.54 -0.16 -14.17
C HIS A 60 -4.27 -0.95 -13.92
N ALA A 61 -4.32 -1.85 -12.94
CA ALA A 61 -3.16 -2.67 -12.63
C ALA A 61 -2.81 -3.61 -13.77
N GLN A 62 -3.84 -4.18 -14.40
CA GLN A 62 -3.62 -5.09 -15.53
C GLN A 62 -2.88 -4.37 -16.67
N LEU A 63 -3.38 -3.20 -17.06
CA LEU A 63 -2.76 -2.49 -18.17
C LEU A 63 -1.38 -1.97 -17.82
N PHE A 64 -1.22 -1.43 -16.62
CA PHE A 64 0.09 -0.92 -16.22
C PHE A 64 1.11 -2.05 -16.16
N THR A 65 0.67 -3.24 -15.73
CA THR A 65 1.55 -4.40 -15.68
C THR A 65 2.05 -4.75 -17.09
N VAL A 66 1.14 -4.75 -18.05
CA VAL A 66 1.51 -5.00 -19.44
C VAL A 66 2.48 -3.95 -19.99
N LEU A 67 2.18 -2.68 -19.76
CA LEU A 67 3.04 -1.60 -20.26
C LEU A 67 4.43 -1.67 -19.63
N MET A 68 4.49 -1.90 -18.33
CA MET A 68 5.79 -2.00 -17.65
C MET A 68 6.56 -3.25 -18.07
N ASP A 69 5.87 -4.38 -18.15
CA ASP A 69 6.51 -5.62 -18.58
C ASP A 69 7.14 -5.41 -19.95
N ASP A 70 6.40 -4.77 -20.85
CA ASP A 70 6.87 -4.57 -22.22
C ASP A 70 8.04 -3.60 -22.24
N LEU A 71 7.93 -2.50 -21.49
CA LEU A 71 9.01 -1.52 -21.42
C LEU A 71 10.31 -2.15 -20.93
N ILE A 72 10.21 -2.89 -19.83
CA ILE A 72 11.42 -3.45 -19.22
C ILE A 72 12.07 -4.52 -20.13
N ALA A 73 11.24 -5.30 -20.82
CA ALA A 73 11.76 -6.29 -21.76
C ALA A 73 12.38 -5.64 -23.00
N ASN A 74 12.01 -4.39 -23.27
CA ASN A 74 12.44 -3.69 -24.47
C ASN A 74 13.21 -2.40 -24.20
N LEU A 75 13.95 -2.37 -23.09
CA LEU A 75 14.69 -1.18 -22.71
C LEU A 75 15.66 -0.68 -23.78
N ASP A 76 15.93 -1.52 -24.78
CA ASP A 76 16.85 -1.15 -25.85
C ASP A 76 16.20 -0.20 -26.87
N SER A 77 14.92 -0.39 -27.13
CA SER A 77 14.15 0.52 -27.97
C SER A 77 12.65 0.35 -27.73
N PRO A 78 12.06 1.25 -26.93
CA PRO A 78 10.69 1.11 -26.42
C PRO A 78 9.63 1.94 -27.15
N SER A 79 9.80 2.20 -28.44
CA SER A 79 8.85 3.06 -29.16
C SER A 79 7.41 2.56 -29.03
N ALA A 80 7.22 1.24 -28.98
CA ALA A 80 5.89 0.67 -28.89
C ALA A 80 5.23 1.04 -27.57
N THR A 81 5.98 0.93 -26.48
CA THR A 81 5.45 1.24 -25.16
C THR A 81 5.27 2.75 -25.01
N VAL A 82 6.08 3.52 -25.72
CA VAL A 82 5.93 4.98 -25.73
C VAL A 82 4.56 5.37 -26.26
N ALA A 83 4.17 4.81 -27.39
CA ALA A 83 2.85 5.04 -27.94
C ALA A 83 1.78 4.60 -26.94
N GLY A 84 1.97 3.42 -26.35
CA GLY A 84 1.04 2.89 -25.38
C GLY A 84 0.88 3.79 -24.16
N LEU A 85 1.99 4.35 -23.69
CA LEU A 85 1.96 5.25 -22.54
C LEU A 85 1.25 6.55 -22.87
N ARG A 86 1.57 7.13 -24.03
CA ARG A 86 0.89 8.35 -24.45
C ARG A 86 -0.61 8.12 -24.62
N GLU A 87 -0.97 6.97 -25.22
CA GLU A 87 -2.37 6.60 -25.34
C GLU A 87 -3.08 6.48 -24.00
N ALA A 88 -2.41 5.87 -23.03
CA ALA A 88 -2.97 5.72 -21.69
C ALA A 88 -3.22 7.11 -21.08
N GLY A 89 -2.27 8.02 -21.25
CA GLY A 89 -2.41 9.36 -20.72
C GLY A 89 -3.60 10.06 -21.34
N GLU A 90 -3.75 9.88 -22.65
CA GLU A 90 -4.84 10.50 -23.39
CA GLU A 90 -4.84 10.46 -23.43
C GLU A 90 -6.21 10.10 -22.86
N LYS A 91 -6.31 8.90 -22.28
CA LYS A 91 -7.58 8.39 -21.76
C LYS A 91 -8.12 9.17 -20.56
N HIS A 92 -7.34 10.12 -20.05
CA HIS A 92 -7.75 10.89 -18.86
C HIS A 92 -8.32 12.27 -19.16
N VAL A 93 -8.68 12.48 -20.42
CA VAL A 93 -9.36 13.69 -20.84
C VAL A 93 -10.86 13.43 -20.94
N TRP A 94 -11.61 14.13 -20.11
CA TRP A 94 -13.05 13.94 -20.03
C TRP A 94 -13.74 15.29 -20.23
N PRO A 95 -14.73 15.33 -21.12
CA PRO A 95 -15.47 16.57 -21.40
C PRO A 95 -15.92 17.27 -20.11
N THR A 96 -16.53 16.56 -19.17
CA THR A 96 -16.80 17.12 -17.85
C THR A 96 -15.60 16.80 -16.95
N ARG A 97 -14.83 17.82 -16.61
CA ARG A 97 -13.54 17.58 -15.94
C ARG A 97 -13.71 16.83 -14.63
N ASN A 98 -14.78 17.12 -13.90
CA ASN A 98 -14.99 16.42 -12.64
C ASN A 98 -15.96 15.25 -12.77
N GLN A 99 -15.94 14.59 -13.93
CA GLN A 99 -16.77 13.42 -14.19
C GLN A 99 -16.60 12.35 -13.10
N TYR A 100 -15.40 12.25 -12.56
CA TYR A 100 -15.10 11.24 -11.55
C TYR A 100 -14.75 11.86 -10.19
N GLY A 101 -15.40 12.98 -9.89
CA GLY A 101 -15.28 13.62 -8.59
C GLY A 101 -14.23 14.71 -8.53
N CYS A 102 -12.99 14.34 -8.84
CA CYS A 102 -11.87 15.29 -8.85
C CYS A 102 -11.31 15.33 -10.25
N PRO A 103 -10.96 16.53 -10.76
CA PRO A 103 -10.40 16.55 -12.12
C PRO A 103 -9.01 15.95 -12.20
N PHE A 104 -8.65 15.49 -13.39
CA PHE A 104 -7.30 15.01 -13.66
C PHE A 104 -6.39 16.18 -14.04
N HIS A 105 -5.20 16.23 -13.46
CA HIS A 105 -4.18 17.18 -13.87
C HIS A 105 -2.82 16.46 -13.87
N ALA A 106 -1.85 17.01 -14.59
CA ALA A 106 -0.53 16.38 -14.70
C ALA A 106 0.15 16.14 -13.34
N HIS A 107 -0.15 16.99 -12.36
CA HIS A 107 0.45 16.85 -11.04
C HIS A 107 0.17 15.49 -10.42
N LEU A 108 -1.00 14.90 -10.72
CA LEU A 108 -1.32 13.59 -10.19
C LEU A 108 -0.28 12.55 -10.61
N LEU A 109 0.24 12.71 -11.82
CA LEU A 109 1.23 11.77 -12.36
C LEU A 109 2.60 11.95 -11.71
N ASP A 110 2.90 13.16 -11.26
CA ASP A 110 4.11 13.44 -10.48
C ASP A 110 4.03 12.74 -9.13
N GLN A 111 2.85 12.74 -8.54
CA GLN A 111 2.62 12.05 -7.28
C GLN A 111 2.69 10.54 -7.48
N PHE A 112 2.13 10.06 -8.58
CA PHE A 112 2.25 8.66 -8.99
C PHE A 112 3.73 8.28 -9.12
N ALA A 113 4.53 9.17 -9.72
CA ALA A 113 5.96 8.89 -9.89
C ALA A 113 6.65 8.71 -8.53
N THR A 114 6.34 9.60 -7.59
CA THR A 114 6.89 9.48 -6.25
C THR A 114 6.50 8.16 -5.60
N ALA A 115 5.22 7.81 -5.72
CA ALA A 115 4.69 6.58 -5.17
C ALA A 115 5.42 5.38 -5.75
N MET A 116 5.63 5.39 -7.06
CA MET A 116 6.30 4.26 -7.70
C MET A 116 7.77 4.16 -7.30
N ILE A 117 8.46 5.29 -7.28
CA ILE A 117 9.87 5.26 -6.88
C ILE A 117 10.02 4.71 -5.46
N GLU A 118 9.13 5.12 -4.56
CA GLU A 118 9.15 4.59 -3.20
C GLU A 118 9.03 3.06 -3.18
N ARG A 119 8.13 2.53 -4.00
CA ARG A 119 7.96 1.07 -4.08
C ARG A 119 9.20 0.37 -4.63
N THR A 120 9.86 0.97 -5.63
CA THR A 120 11.04 0.32 -6.21
C THR A 120 12.12 0.08 -5.16
N LEU A 121 12.18 0.95 -4.16
CA LEU A 121 13.18 0.82 -3.11
C LEU A 121 12.95 -0.42 -2.25
N GLU A 122 11.72 -0.91 -2.24
CA GLU A 122 11.39 -2.12 -1.49
C GLU A 122 11.72 -3.38 -2.27
N TRP A 123 11.79 -3.28 -3.60
CA TRP A 123 12.07 -4.46 -4.42
C TRP A 123 13.53 -4.88 -4.30
N ASP A 128 22.01 -6.12 -2.75
CA ASP A 128 22.94 -5.89 -3.85
C ASP A 128 22.53 -4.68 -4.68
N ARG A 129 22.14 -3.61 -3.98
CA ARG A 129 21.77 -2.35 -4.63
C ARG A 129 22.86 -1.32 -4.39
N THR A 130 23.05 -0.42 -5.34
CA THR A 130 23.91 0.75 -5.14
C THR A 130 23.12 1.99 -5.54
N GLU A 131 23.60 3.17 -5.15
CA GLU A 131 22.89 4.39 -5.54
C GLU A 131 22.86 4.51 -7.06
N THR A 132 23.96 4.17 -7.72
CA THR A 132 24.02 4.31 -9.15
C THR A 132 23.06 3.34 -9.86
N THR A 133 23.02 2.08 -9.44
CA THR A 133 22.11 1.16 -10.10
C THR A 133 20.64 1.48 -9.80
N GLN A 134 20.35 1.88 -8.56
CA GLN A 134 18.98 2.24 -8.18
C GLN A 134 18.46 3.41 -9.02
N ARG A 135 19.37 4.27 -9.45
CA ARG A 135 18.96 5.44 -10.25
C ARG A 135 18.38 4.98 -11.60
N GLY A 136 18.64 3.73 -11.97
CA GLY A 136 17.99 3.14 -13.12
C GLY A 136 16.47 3.19 -12.98
N TRP A 137 15.96 2.91 -11.78
CA TRP A 137 14.52 3.02 -11.51
C TRP A 137 14.00 4.44 -11.62
N THR A 138 14.78 5.40 -11.11
CA THR A 138 14.36 6.79 -11.21
C THR A 138 14.23 7.19 -12.67
N LYS A 139 15.20 6.79 -13.49
CA LYS A 139 15.14 7.08 -14.92
C LYS A 139 13.90 6.50 -15.56
N ILE A 140 13.63 5.24 -15.27
CA ILE A 140 12.46 4.55 -15.84
C ILE A 140 11.15 5.21 -15.40
N VAL A 141 11.02 5.52 -14.11
CA VAL A 141 9.76 6.11 -13.63
C VAL A 141 9.54 7.50 -14.21
N LEU A 142 10.61 8.30 -14.28
CA LEU A 142 10.50 9.62 -14.90
C LEU A 142 10.07 9.52 -16.37
N PHE A 143 10.66 8.56 -17.09
CA PHE A 143 10.31 8.34 -18.49
C PHE A 143 8.84 7.96 -18.63
N VAL A 144 8.42 6.99 -17.83
CA VAL A 144 7.06 6.49 -17.87
C VAL A 144 6.06 7.60 -17.57
N THR A 145 6.26 8.32 -16.47
CA THR A 145 5.27 9.33 -16.11
C THR A 145 5.33 10.54 -17.05
N GLU A 146 6.49 10.83 -17.61
CA GLU A 146 6.61 11.90 -18.59
C GLU A 146 5.80 11.59 -19.86
N GLN A 147 5.83 10.34 -20.31
CA GLN A 147 5.07 9.96 -21.51
C GLN A 147 3.57 9.97 -21.22
N LEU A 148 3.19 9.50 -20.05
CA LEU A 148 1.79 9.64 -19.62
C LEU A 148 1.34 11.10 -19.59
N LYS A 149 2.18 11.97 -19.02
CA LYS A 149 1.87 13.39 -18.92
C LYS A 149 1.72 14.03 -20.29
N GLU A 150 2.63 13.71 -21.21
CA GLU A 150 2.59 14.28 -22.55
C GLU A 150 1.33 13.84 -23.28
N GLY A 151 0.99 12.56 -23.14
CA GLY A 151 -0.23 12.04 -23.73
C GLY A 151 -1.46 12.78 -23.21
N PHE A 152 -1.54 12.93 -21.89
CA PHE A 152 -2.65 13.67 -21.29
C PHE A 152 -2.66 15.15 -21.68
N GLN A 153 -1.54 15.83 -21.48
CA GLN A 153 -1.50 17.28 -21.67
C GLN A 153 -1.74 17.70 -23.11
N ASP A 154 -1.15 16.96 -24.06
CA ASP A 154 -1.36 17.25 -25.47
C ASP A 154 -2.82 17.05 -25.84
N GLU A 155 -3.43 16.01 -25.30
CA GLU A 155 -4.84 15.74 -25.54
C GLU A 155 -5.75 16.78 -24.85
N GLN A 156 -5.46 17.12 -23.60
CA GLN A 156 -6.29 18.05 -22.82
C GLN A 156 -6.21 19.47 -23.38
N LYS A 157 -5.02 19.87 -23.82
CA LYS A 157 -4.82 21.20 -24.38
C LYS A 157 -5.63 21.37 -25.66
N ARG A 158 -5.80 20.28 -26.41
CA ARG A 158 -6.51 20.31 -27.68
C ARG A 158 -8.03 20.29 -27.53
N ALA A 159 -8.52 19.71 -26.44
CA ALA A 159 -9.96 19.57 -26.21
C ALA A 159 -10.62 20.92 -26.00
N ARG A 160 -11.91 21.02 -26.33
CA ARG A 160 -12.67 22.20 -25.97
C ARG A 160 -12.77 22.32 -24.46
N ARG A 161 -13.03 23.52 -23.95
CA ARG A 161 -13.18 23.70 -22.51
C ARG A 161 -14.65 23.83 -22.12
N LEU B 1 -6.90 -18.55 21.28
CA LEU B 1 -6.49 -18.73 19.89
C LEU B 1 -6.26 -20.20 19.57
N HIS B 2 -7.12 -20.77 18.74
CA HIS B 2 -7.00 -22.19 18.38
C HIS B 2 -6.85 -22.37 16.87
N LEU B 3 -5.61 -22.41 16.38
CA LEU B 3 -5.39 -22.73 14.97
C LEU B 3 -5.16 -24.23 14.78
N THR B 4 -5.66 -24.76 13.66
CA THR B 4 -5.34 -26.12 13.25
C THR B 4 -3.92 -26.14 12.69
N GLN B 5 -3.32 -27.31 12.59
CA GLN B 5 -1.96 -27.40 12.06
C GLN B 5 -1.86 -26.91 10.60
N PRO B 6 -2.81 -27.32 9.75
CA PRO B 6 -2.76 -26.80 8.37
C PRO B 6 -2.91 -25.26 8.34
N GLN B 7 -3.72 -24.71 9.24
CA GLN B 7 -3.83 -23.26 9.33
C GLN B 7 -2.51 -22.62 9.74
N ILE B 8 -1.82 -23.24 10.70
CA ILE B 8 -0.51 -22.75 11.15
C ILE B 8 0.50 -22.77 10.01
N LEU B 9 0.56 -23.88 9.27
CA LEU B 9 1.48 -23.97 8.14
C LEU B 9 1.20 -22.91 7.08
N PHE B 10 -0.08 -22.70 6.78
CA PHE B 10 -0.47 -21.75 5.75
C PHE B 10 -0.17 -20.31 6.18
N VAL B 11 -0.47 -19.99 7.43
CA VAL B 11 -0.20 -18.66 7.98
C VAL B 11 1.32 -18.38 7.97
N ARG B 12 2.12 -19.37 8.37
CA ARG B 12 3.55 -19.15 8.37
C ARG B 12 4.09 -18.98 6.94
N LYS B 13 3.60 -19.78 6.01
CA LYS B 13 4.08 -19.71 4.63
C LYS B 13 3.76 -18.34 4.02
N THR B 14 2.52 -17.92 4.17
CA THR B 14 2.07 -16.66 3.57
C THR B 14 2.67 -15.46 4.28
N TRP B 15 2.80 -15.52 5.60
CA TRP B 15 3.42 -14.43 6.36
C TRP B 15 4.86 -14.21 5.91
N ASN B 16 5.60 -15.30 5.79
CA ASN B 16 6.99 -15.16 5.39
C ASN B 16 7.11 -14.66 3.95
N HIS B 17 6.19 -15.07 3.08
CA HIS B 17 6.13 -14.52 1.73
C HIS B 17 5.91 -13.01 1.77
N ALA B 18 4.95 -12.56 2.59
CA ALA B 18 4.64 -11.14 2.74
C ALA B 18 5.81 -10.34 3.28
N ARG B 19 6.56 -10.95 4.21
CA ARG B 19 7.69 -10.25 4.83
C ARG B 19 8.83 -10.00 3.85
N ASN B 20 8.83 -10.76 2.75
CA ASN B 20 9.83 -10.59 1.69
C ASN B 20 9.64 -9.32 0.87
N GLN B 21 8.54 -8.61 1.11
CA GLN B 21 8.21 -7.44 0.32
C GLN B 21 8.95 -6.19 0.80
N GLY B 22 9.53 -6.26 1.99
CA GLY B 22 10.23 -5.12 2.56
C GLY B 22 10.38 -5.22 4.06
N ALA B 23 11.36 -4.51 4.61
CA ALA B 23 11.65 -4.54 6.03
C ALA B 23 10.43 -4.22 6.90
N LEU B 24 9.60 -3.30 6.42
CA LEU B 24 8.43 -2.87 7.19
C LEU B 24 7.13 -3.45 6.65
N GLU B 25 7.25 -4.42 5.74
CA GLU B 25 6.08 -5.07 5.15
C GLU B 25 5.79 -6.42 5.79
N PRO B 26 4.51 -6.82 5.81
CA PRO B 26 3.37 -6.06 5.29
C PRO B 26 2.74 -5.05 6.28
N ALA B 27 3.37 -4.84 7.43
CA ALA B 27 2.79 -3.95 8.45
C ALA B 27 2.46 -2.58 7.90
N ILE B 28 3.38 -1.99 7.13
CA ILE B 28 3.13 -0.62 6.68
C ILE B 28 1.93 -0.57 5.73
N SER B 29 1.81 -1.58 4.87
CA SER B 29 0.67 -1.67 3.96
C SER B 29 -0.65 -1.88 4.71
N ILE B 30 -0.57 -2.60 5.83
CA ILE B 30 -1.76 -2.81 6.65
C ILE B 30 -2.23 -1.49 7.27
N PHE B 31 -1.31 -0.73 7.85
CA PHE B 31 -1.66 0.58 8.40
C PHE B 31 -2.19 1.51 7.31
N ARG B 32 -1.55 1.50 6.15
CA ARG B 32 -2.02 2.36 5.06
C ARG B 32 -3.42 1.99 4.60
N ASN B 33 -3.70 0.69 4.56
CA ASN B 33 -5.06 0.27 4.22
C ASN B 33 -6.07 0.75 5.27
N SER B 34 -5.66 0.73 6.54
CA SER B 34 -6.57 1.17 7.59
C SER B 34 -6.90 2.66 7.48
N PHE B 35 -5.99 3.44 6.89
CA PHE B 35 -6.22 4.87 6.66
C PHE B 35 -7.42 5.10 5.76
N PHE B 36 -7.69 4.16 4.87
CA PHE B 36 -8.83 4.29 3.98
C PHE B 36 -10.12 3.73 4.56
N LYS B 37 -10.01 2.80 5.50
CA LYS B 37 -11.20 2.32 6.22
C LYS B 37 -11.71 3.46 7.10
N ASN B 38 -10.79 4.26 7.63
CA ASN B 38 -11.15 5.41 8.44
C ASN B 38 -10.05 6.46 8.42
N PRO B 39 -10.28 7.57 7.72
CA PRO B 39 -9.28 8.63 7.56
C PRO B 39 -8.77 9.16 8.90
N GLU B 40 -9.57 9.06 9.96
CA GLU B 40 -9.14 9.53 11.27
C GLU B 40 -7.91 8.77 11.78
N ILE B 41 -7.75 7.51 11.39
CA ILE B 41 -6.58 6.75 11.79
C ILE B 41 -5.34 7.43 11.21
N ARG B 42 -5.44 7.88 9.96
CA ARG B 42 -4.36 8.62 9.34
C ARG B 42 -4.11 9.94 10.07
N GLN B 43 -5.18 10.67 10.38
CA GLN B 43 -5.05 11.96 11.03
C GLN B 43 -4.31 11.81 12.36
N MET B 44 -4.59 10.73 13.07
CA MET B 44 -3.98 10.47 14.36
C MET B 44 -2.53 10.00 14.25
N ILE B 45 -2.28 9.00 13.42
CA ILE B 45 -0.93 8.48 13.27
C ILE B 45 0.00 9.52 12.62
N MET B 46 -0.53 10.28 11.67
CA MET B 46 0.26 11.29 10.96
C MET B 46 0.20 12.66 11.64
N PHE B 47 -0.29 12.69 12.88
CA PHE B 47 -0.45 13.95 13.61
C PHE B 47 0.88 14.69 13.76
N GLY B 48 0.86 16.00 13.62
CA GLY B 48 2.03 16.83 13.84
C GLY B 48 2.74 17.24 12.58
N THR B 49 4.05 17.49 12.69
CA THR B 49 4.84 17.88 11.52
C THR B 49 4.99 16.70 10.57
N LYS B 50 5.50 16.97 9.36
CA LYS B 50 5.70 15.91 8.38
C LYS B 50 6.59 14.81 8.95
N ASN B 51 7.68 15.22 9.60
CA ASN B 51 8.63 14.26 10.16
C ASN B 51 8.03 13.44 11.30
N GLU B 52 7.33 14.12 12.20
CA GLU B 52 6.70 13.46 13.32
C GLU B 52 5.70 12.39 12.86
N GLY B 53 4.90 12.74 11.87
CA GLY B 53 3.91 11.82 11.35
C GLY B 53 4.53 10.62 10.67
N HIS B 54 5.57 10.87 9.86
CA HIS B 54 6.23 9.77 9.16
C HIS B 54 6.99 8.87 10.12
N GLU B 55 7.58 9.47 11.15
CA GLU B 55 8.26 8.73 12.20
C GLU B 55 7.27 7.87 12.99
N ARG B 56 6.09 8.42 13.29
CA ARG B 56 5.10 7.66 14.04
C ARG B 56 4.57 6.48 13.21
N LEU B 57 4.34 6.70 11.93
CA LEU B 57 3.91 5.60 11.07
C LEU B 57 5.00 4.53 10.99
N LYS B 58 6.24 4.96 10.81
CA LYS B 58 7.35 4.02 10.71
C LYS B 58 7.49 3.18 11.98
N LYS B 59 7.39 3.84 13.12
CA LYS B 59 7.51 3.20 14.43
C LYS B 59 6.37 2.21 14.65
N HIS B 60 5.17 2.59 14.23
CA HIS B 60 4.04 1.68 14.31
C HIS B 60 4.26 0.41 13.49
N ALA B 61 4.77 0.57 12.27
CA ALA B 61 5.06 -0.58 11.43
C ALA B 61 6.13 -1.44 12.05
N GLN B 62 7.16 -0.81 12.60
CA GLN B 62 8.26 -1.54 13.22
C GLN B 62 7.77 -2.36 14.41
N LEU B 63 7.00 -1.74 15.28
CA LEU B 63 6.51 -2.43 16.48
C LEU B 63 5.53 -3.53 16.13
N PHE B 64 4.65 -3.28 15.17
CA PHE B 64 3.67 -4.27 14.78
C PHE B 64 4.36 -5.45 14.11
N THR B 65 5.42 -5.16 13.36
CA THR B 65 6.20 -6.22 12.73
C THR B 65 6.80 -7.17 13.76
N VAL B 66 7.39 -6.60 14.82
CA VAL B 66 7.96 -7.40 15.90
C VAL B 66 6.90 -8.24 16.61
N LEU B 67 5.76 -7.63 16.93
CA LEU B 67 4.68 -8.34 17.61
C LEU B 67 4.14 -9.48 16.76
N MET B 68 3.89 -9.21 15.49
CA MET B 68 3.38 -10.24 14.58
C MET B 68 4.40 -11.34 14.32
N ASP B 69 5.66 -10.96 14.10
CA ASP B 69 6.72 -11.95 13.92
C ASP B 69 6.76 -12.88 15.12
N ASP B 70 6.70 -12.30 16.31
CA ASP B 70 6.78 -13.06 17.55
C ASP B 70 5.57 -13.97 17.75
N LEU B 71 4.39 -13.44 17.50
CA LEU B 71 3.16 -14.21 17.65
C LEU B 71 3.19 -15.42 16.72
N ILE B 72 3.50 -15.17 15.46
CA ILE B 72 3.48 -16.24 14.46
C ILE B 72 4.55 -17.31 14.72
N ALA B 73 5.71 -16.90 15.21
CA ALA B 73 6.75 -17.88 15.54
C ALA B 73 6.36 -18.69 16.77
N ASN B 74 5.49 -18.13 17.60
CA ASN B 74 5.14 -18.73 18.88
C ASN B 74 3.68 -19.15 19.02
N LEU B 75 3.05 -19.49 17.90
CA LEU B 75 1.67 -19.97 17.90
C LEU B 75 1.56 -21.28 18.67
N SER B 79 2.03 -16.35 25.50
CA SER B 79 1.78 -15.39 26.56
C SER B 79 2.61 -14.12 26.45
N ALA B 80 3.85 -14.27 25.98
CA ALA B 80 4.73 -13.13 25.79
C ALA B 80 4.13 -12.12 24.85
N THR B 81 3.58 -12.62 23.74
CA THR B 81 2.91 -11.79 22.76
C THR B 81 1.62 -11.20 23.29
N VAL B 82 0.86 -11.99 24.05
CA VAL B 82 -0.40 -11.50 24.63
C VAL B 82 -0.15 -10.28 25.49
N ALA B 83 0.81 -10.39 26.40
CA ALA B 83 1.19 -9.25 27.23
C ALA B 83 1.61 -8.09 26.34
N GLY B 84 2.39 -8.37 25.30
CA GLY B 84 2.85 -7.35 24.39
C GLY B 84 1.70 -6.64 23.71
N LEU B 85 0.70 -7.42 23.28
CA LEU B 85 -0.48 -6.85 22.64
C LEU B 85 -1.28 -5.96 23.59
N ARG B 86 -1.52 -6.46 24.80
CA ARG B 86 -2.26 -5.68 25.78
C ARG B 86 -1.53 -4.38 26.12
N GLU B 87 -0.22 -4.47 26.33
CA GLU B 87 0.56 -3.29 26.64
C GLU B 87 0.49 -2.24 25.52
N ALA B 88 0.51 -2.72 24.28
CA ALA B 88 0.40 -1.83 23.12
C ALA B 88 -0.95 -1.14 23.13
N GLY B 89 -2.01 -1.89 23.43
CA GLY B 89 -3.34 -1.31 23.51
C GLY B 89 -3.39 -0.19 24.55
N GLU B 90 -2.79 -0.46 25.71
CA GLU B 90 -2.71 0.51 26.79
C GLU B 90 -2.13 1.86 26.39
N LYS B 91 -1.21 1.85 25.43
CA LYS B 91 -0.50 3.06 25.04
C LYS B 91 -1.40 4.08 24.34
N HIS B 92 -2.66 3.71 24.09
CA HIS B 92 -3.58 4.60 23.39
C HIS B 92 -4.56 5.32 24.30
N VAL B 93 -4.31 5.26 25.60
CA VAL B 93 -5.10 6.02 26.58
C VAL B 93 -4.35 7.30 26.92
N TRP B 94 -4.98 8.43 26.60
CA TRP B 94 -4.36 9.73 26.82
C TRP B 94 -5.28 10.62 27.64
N PRO B 95 -4.72 11.29 28.66
CA PRO B 95 -5.48 12.17 29.54
C PRO B 95 -6.38 13.15 28.78
N THR B 96 -5.80 13.86 27.81
CA THR B 96 -6.60 14.69 26.92
C THR B 96 -6.98 13.82 25.73
N ARG B 97 -8.26 13.46 25.62
CA ARG B 97 -8.68 12.50 24.61
C ARG B 97 -8.36 12.94 23.18
N ASN B 98 -8.40 14.24 22.93
CA ASN B 98 -8.08 14.74 21.59
C ASN B 98 -6.64 15.24 21.47
N GLN B 99 -5.74 14.64 22.25
CA GLN B 99 -4.33 14.97 22.19
C GLN B 99 -3.76 14.89 20.78
N TYR B 100 -4.23 13.91 20.01
CA TYR B 100 -3.76 13.71 18.64
C TYR B 100 -4.87 13.95 17.61
N GLY B 101 -5.72 14.93 17.92
CA GLY B 101 -6.82 15.28 17.03
C GLY B 101 -8.08 14.49 17.36
N CYS B 102 -8.24 13.37 16.67
CA CYS B 102 -9.39 12.49 16.89
C CYS B 102 -9.12 11.61 18.12
N PRO B 103 -10.14 11.41 18.97
CA PRO B 103 -10.01 10.51 20.12
C PRO B 103 -9.83 9.06 19.68
N PHE B 104 -9.16 8.27 20.51
CA PHE B 104 -9.06 6.83 20.28
C PHE B 104 -10.25 6.11 20.90
N HIS B 105 -10.87 5.21 20.14
CA HIS B 105 -11.90 4.32 20.67
C HIS B 105 -11.66 2.93 20.11
N ALA B 106 -12.21 1.93 20.79
CA ALA B 106 -12.00 0.54 20.43
C ALA B 106 -12.41 0.23 19.00
N HIS B 107 -13.43 0.92 18.50
CA HIS B 107 -13.94 0.65 17.16
C HIS B 107 -12.85 0.81 16.10
N LEU B 108 -11.87 1.67 16.35
CA LEU B 108 -10.78 1.87 15.40
C LEU B 108 -10.04 0.56 15.15
N LEU B 109 -9.94 -0.28 16.18
CA LEU B 109 -9.23 -1.55 16.07
C LEU B 109 -10.05 -2.57 15.26
N ASP B 110 -11.37 -2.42 15.26
CA ASP B 110 -12.22 -3.26 14.42
C ASP B 110 -12.02 -2.91 12.94
N GLN B 111 -11.87 -1.63 12.66
CA GLN B 111 -11.56 -1.17 11.32
C GLN B 111 -10.15 -1.60 10.89
N PHE B 112 -9.22 -1.55 11.84
CA PHE B 112 -7.86 -2.01 11.59
C PHE B 112 -7.89 -3.50 11.25
N ALA B 113 -8.73 -4.27 11.96
CA ALA B 113 -8.84 -5.71 11.70
C ALA B 113 -9.31 -5.95 10.27
N THR B 114 -10.33 -5.20 9.84
CA THR B 114 -10.81 -5.30 8.46
C THR B 114 -9.70 -5.02 7.45
N ALA B 115 -8.95 -3.93 7.68
CA ALA B 115 -7.83 -3.56 6.81
C ALA B 115 -6.80 -4.68 6.71
N MET B 116 -6.49 -5.30 7.85
CA MET B 116 -5.49 -6.36 7.87
C MET B 116 -5.99 -7.62 7.15
N ILE B 117 -7.20 -8.04 7.46
CA ILE B 117 -7.77 -9.24 6.84
C ILE B 117 -7.79 -9.11 5.32
N GLU B 118 -8.16 -7.93 4.82
CA GLU B 118 -8.17 -7.71 3.37
C GLU B 118 -6.79 -8.02 2.76
N ARG B 119 -5.74 -7.61 3.45
CA ARG B 119 -4.39 -7.81 2.95
CA ARG B 119 -4.39 -7.83 2.94
C ARG B 119 -3.92 -9.27 3.06
N THR B 120 -4.34 -9.97 4.12
CA THR B 120 -3.93 -11.36 4.30
C THR B 120 -4.30 -12.18 3.06
N LEU B 121 -5.45 -11.87 2.48
CA LEU B 121 -5.96 -12.63 1.34
C LEU B 121 -5.05 -12.53 0.12
N GLU B 122 -4.09 -11.60 0.16
CA GLU B 122 -3.24 -11.34 -0.99
C GLU B 122 -1.84 -11.93 -0.87
N TRP B 123 -1.56 -12.58 0.26
CA TRP B 123 -0.21 -13.08 0.55
C TRP B 123 0.08 -14.48 -0.01
N GLY B 124 -0.92 -15.09 -0.63
CA GLY B 124 -0.74 -16.38 -1.29
C GLY B 124 -1.46 -16.38 -2.62
N ARG B 129 -4.66 -21.66 -1.79
CA ARG B 129 -5.42 -21.29 -0.60
C ARG B 129 -6.72 -22.08 -0.53
N THR B 130 -7.17 -22.39 0.69
CA THR B 130 -8.53 -22.89 0.88
C THR B 130 -9.22 -21.98 1.86
N GLU B 131 -10.55 -22.06 1.91
CA GLU B 131 -11.30 -21.24 2.84
C GLU B 131 -10.95 -21.62 4.28
N THR B 132 -10.80 -22.92 4.53
CA THR B 132 -10.50 -23.37 5.89
C THR B 132 -9.10 -22.91 6.35
N THR B 133 -8.09 -23.09 5.51
CA THR B 133 -6.76 -22.62 5.91
C THR B 133 -6.68 -21.10 6.01
N GLN B 134 -7.33 -20.40 5.09
CA GLN B 134 -7.32 -18.93 5.10
C GLN B 134 -7.97 -18.40 6.38
N ARG B 135 -8.91 -19.15 6.93
CA ARG B 135 -9.57 -18.74 8.16
C ARG B 135 -8.56 -18.66 9.32
N GLY B 136 -7.41 -19.31 9.17
CA GLY B 136 -6.32 -19.16 10.12
C GLY B 136 -5.94 -17.69 10.31
N TRP B 137 -5.92 -16.95 9.21
CA TRP B 137 -5.63 -15.51 9.28
C TRP B 137 -6.72 -14.73 10.01
N THR B 138 -7.97 -15.08 9.76
CA THR B 138 -9.07 -14.41 10.45
C THR B 138 -8.97 -14.63 11.95
N LYS B 139 -8.67 -15.86 12.36
CA LYS B 139 -8.50 -16.15 13.78
C LYS B 139 -7.40 -15.30 14.38
N ILE B 140 -6.26 -15.25 13.69
CA ILE B 140 -5.12 -14.47 14.16
C ILE B 140 -5.44 -12.98 14.28
N VAL B 141 -6.05 -12.40 13.26
CA VAL B 141 -6.33 -10.98 13.28
C VAL B 141 -7.35 -10.65 14.37
N LEU B 142 -8.38 -11.49 14.51
CA LEU B 142 -9.35 -11.28 15.58
C LEU B 142 -8.70 -11.34 16.95
N PHE B 143 -7.79 -12.30 17.12
CA PHE B 143 -7.07 -12.45 18.38
C PHE B 143 -6.21 -11.21 18.68
N VAL B 144 -5.45 -10.79 17.69
CA VAL B 144 -4.56 -9.63 17.82
C VAL B 144 -5.33 -8.37 18.21
N THR B 145 -6.39 -8.06 17.47
CA THR B 145 -7.13 -6.83 17.74
C THR B 145 -7.95 -6.93 19.02
N GLU B 146 -8.40 -8.14 19.38
CA GLU B 146 -9.09 -8.31 20.65
C GLU B 146 -8.17 -8.01 21.84
N GLN B 147 -6.93 -8.49 21.77
CA GLN B 147 -5.99 -8.23 22.86
C GLN B 147 -5.61 -6.76 22.92
N LEU B 148 -5.43 -6.14 21.76
CA LEU B 148 -5.20 -4.70 21.69
C LEU B 148 -6.35 -3.94 22.33
N LYS B 149 -7.57 -4.35 21.99
CA LYS B 149 -8.77 -3.70 22.51
C LYS B 149 -8.89 -3.84 24.02
N GLU B 150 -8.61 -5.04 24.52
CA GLU B 150 -8.70 -5.28 25.96
C GLU B 150 -7.65 -4.46 26.72
N GLY B 151 -6.45 -4.37 26.14
CA GLY B 151 -5.41 -3.55 26.74
C GLY B 151 -5.88 -2.10 26.84
N PHE B 152 -6.39 -1.57 25.73
CA PHE B 152 -6.88 -0.21 25.71
C PHE B 152 -8.01 0.02 26.72
N GLN B 153 -8.97 -0.91 26.76
CA GLN B 153 -10.15 -0.74 27.61
C GLN B 153 -9.82 -0.85 29.10
N ASP B 154 -8.94 -1.79 29.45
CA ASP B 154 -8.56 -1.98 30.84
C ASP B 154 -7.83 -0.74 31.37
N GLU B 155 -6.98 -0.16 30.53
CA GLU B 155 -6.26 1.04 30.91
C GLU B 155 -7.19 2.24 31.05
N GLN B 156 -8.17 2.34 30.15
CA GLN B 156 -9.12 3.43 30.20
C GLN B 156 -9.86 3.45 31.53
N LYS B 157 -10.24 2.26 32.00
CA LYS B 157 -10.94 2.13 33.28
C LYS B 157 -10.07 2.57 34.44
N ARG B 158 -8.83 2.08 34.46
CA ARG B 158 -7.89 2.38 35.53
C ARG B 158 -7.61 3.88 35.63
N ALA B 159 -7.63 4.56 34.49
CA ALA B 159 -7.26 5.98 34.42
C ALA B 159 -8.45 6.95 34.53
N ARG B 160 -9.67 6.41 34.58
CA ARG B 160 -10.87 7.24 34.67
C ARG B 160 -10.85 8.17 35.88
N ARG B 161 -11.65 9.24 35.83
CA ARG B 161 -11.79 10.13 36.97
C ARG B 161 -12.40 9.40 38.18
CHA HEM C . -9.20 5.76 -17.38
CHB HEM C . -8.08 7.56 -13.04
CHC HEM C . -3.37 6.72 -13.81
CHD HEM C . -4.63 3.95 -17.62
C1A HEM C . -9.31 6.37 -16.15
C2A HEM C . -10.52 6.93 -15.57
C3A HEM C . -10.21 7.43 -14.37
C4A HEM C . -8.80 7.20 -14.15
CMA HEM C . -11.17 8.12 -13.37
CAA HEM C . -11.92 6.97 -16.26
CBA HEM C . -12.79 5.81 -15.77
CGA HEM C . -12.48 4.57 -16.55
O1A HEM C . -12.27 3.51 -15.91
O2A HEM C . -12.45 4.63 -17.80
C1B HEM C . -6.70 7.59 -12.93
C2B HEM C . -5.96 8.35 -11.95
C3B HEM C . -4.66 8.15 -12.16
C4B HEM C . -4.53 7.22 -13.28
CMB HEM C . -6.58 9.27 -10.87
CAB HEM C . -3.51 8.77 -11.34
CBB HEM C . -2.31 9.00 -11.86
C1C HEM C . -3.29 5.83 -14.87
C2C HEM C . -2.12 5.10 -15.30
C3C HEM C . -2.47 4.32 -16.33
C4C HEM C . -3.87 4.54 -16.61
CMC HEM C . -0.71 5.17 -14.65
CAC HEM C . -1.51 3.38 -17.09
CBC HEM C . -1.94 2.23 -17.61
C1D HEM C . -5.94 4.22 -17.96
C2D HEM C . -6.65 3.70 -19.11
C3D HEM C . -8.06 4.27 -19.03
C4D HEM C . -8.09 5.07 -17.84
CMD HEM C . -6.11 2.77 -20.22
CAD HEM C . -9.24 4.03 -20.01
CBD HEM C . -10.05 2.91 -19.37
CGD HEM C . -11.11 2.37 -20.30
O1D HEM C . -11.40 3.03 -21.33
O2D HEM C . -11.65 1.27 -20.00
NA HEM C . -8.28 6.54 -15.26
NB HEM C . -5.80 6.90 -13.73
NC HEM C . -4.34 5.46 -15.69
ND HEM C . -6.83 5.02 -17.23
FE HEM C . -6.30 5.94 -15.49
PR PR D . -5.43 11.92 -29.61
PR PR E . -15.79 20.88 -20.23
PR PR F . -4.80 8.37 -29.69
N NO3 G . -14.89 21.60 -17.33
O1 NO3 G . -14.53 22.47 -18.38
O2 NO3 G . -15.70 20.50 -17.58
O3 NO3 G . -14.45 21.87 -16.05
N NO3 H . 26.07 1.59 -12.95
O1 NO3 H . 26.30 2.06 -14.24
O2 NO3 H . 24.77 1.30 -12.55
O3 NO3 H . 27.14 1.43 -12.07
N NO3 I . 12.79 -8.31 -18.15
O1 NO3 I . 12.81 -7.72 -19.40
O2 NO3 I . 11.74 -8.07 -17.27
O3 NO3 I . 13.83 -9.13 -17.76
N NO3 J . 6.26 19.46 -7.64
O1 NO3 J . 5.36 19.15 -6.62
O2 NO3 J . 7.63 19.58 -7.36
O3 NO3 J . 5.81 19.65 -8.95
N NO3 K . 23.46 7.99 -14.40
O1 NO3 K . 24.41 8.72 -13.70
O2 NO3 K . 23.54 7.87 -15.80
O3 NO3 K . 22.45 7.35 -13.70
N NO3 L . -7.94 -1.51 -3.00
O1 NO3 L . -6.76 -0.93 -2.56
O2 NO3 L . -9.15 -0.80 -2.91
O3 NO3 L . -7.93 -2.81 -3.54
CHA HEM M . 1.01 5.13 20.38
CHB HEM M . -2.33 5.99 16.98
CHC HEM M . -2.81 1.20 16.37
CHD HEM M . 1.22 0.43 18.95
C1A HEM M . 0.12 5.78 19.56
C2A HEM M . -0.14 7.21 19.55
C3A HEM M . -1.06 7.44 18.60
C4A HEM M . -1.40 6.17 17.99
CMA HEM M . -1.66 8.81 18.21
CAA HEM M . 0.51 8.27 20.47
CBA HEM M . 1.51 9.12 19.72
CGA HEM M . 2.88 8.48 19.83
O1A HEM M . 3.67 8.61 18.87
O2A HEM M . 3.16 7.83 20.87
C1B HEM M . -2.81 4.76 16.60
C2B HEM M . -4.02 4.53 15.83
C3B HEM M . -4.17 3.21 15.68
C4B HEM M . -3.04 2.56 16.32
CMB HEM M . -4.99 5.61 15.30
CAB HEM M . -5.32 2.51 14.92
CBB HEM M . -5.65 1.25 15.19
C1C HEM M . -1.72 0.58 16.93
C2C HEM M . -1.33 -0.80 16.75
C3C HEM M . -0.21 -1.03 17.44
C4C HEM M . 0.15 0.21 18.11
CMC HEM M . -2.08 -1.84 15.87
CAC HEM M . 0.55 -2.37 17.55
CBC HEM M . 1.87 -2.35 17.76
C1D HEM M . 1.52 1.60 19.63
C2D HEM M . 2.54 1.76 20.64
C3D HEM M . 2.47 3.22 21.07
C4D HEM M . 1.41 3.82 20.29
CMD HEM M . 3.52 0.70 21.19
CAD HEM M . 3.36 3.93 22.12
CBD HEM M . 4.31 4.83 21.32
CGD HEM M . 5.54 5.16 22.10
O1D HEM M . 5.61 4.82 23.32
O2D HEM M . 6.46 5.78 21.52
NA HEM M . -0.66 5.17 18.60
NB HEM M . -2.24 3.53 16.88
NC HEM M . -0.79 1.18 17.76
ND HEM M . 0.88 2.83 19.47
FE HEM M . -0.68 3.17 18.17
PR PR N . -9.68 13.72 30.26
N NO3 O . -11.89 -23.61 11.95
O1 NO3 O . -13.06 -24.17 11.45
O2 NO3 O . -11.32 -22.53 11.31
O3 NO3 O . -11.30 -24.14 13.11
N NO3 P . 7.15 -18.21 11.15
O1 NO3 P . 6.94 -18.42 12.51
O2 NO3 P . 7.07 -16.91 10.62
O3 NO3 P . 7.44 -19.30 10.32
N NO3 Q . -11.50 14.19 27.52
O1 NO3 Q . -10.20 14.73 27.49
O2 NO3 Q . -12.02 13.64 28.69
O3 NO3 Q . -12.29 14.22 26.36
#